data_1KW0
#
_entry.id   1KW0
#
_cell.length_a   65.172
_cell.length_b   106.741
_cell.length_c   123.440
_cell.angle_alpha   90.00
_cell.angle_beta   90.00
_cell.angle_gamma   90.00
#
_symmetry.space_group_name_H-M   'C 2 2 21'
#
loop_
_entity.id
_entity.type
_entity.pdbx_description
1 polymer Phenylalanine-4-hydroxylase
2 non-polymer 'FE (II) ION'
3 non-polymer 5,6,7,8-TETRAHYDROBIOPTERIN
4 non-polymer BETA(2-THIENYL)ALANINE
5 water water
#
_entity_poly.entity_id   1
_entity_poly.type   'polypeptide(L)'
_entity_poly.pdbx_seq_one_letter_code
;GATVHELSRDKKKDTVPWFPRTIQELDRFANQILSYGAELDADHPGFKDPVYRARRKQFADIAYNYRHGQPIPRVEYMEE
EKKTWGTVFKTLKSLYKTHACYEYNHIFPLLEKYCGFHEDNIPQLEDVSQFLQTCTGFRLRPVAGLLSSRDFLGGLAFRV
FHCTQYIRHGSKPMYTPEPDICHELLGHVPLFSDRSFAQFSQEIGLASLGAPDEYIEKLATIYWFTVEFGLCKQGDSIKA
YGAGLLSSFGELQYCLSEKPKLLPLELEKTAIQNYTVTEFQPLYYVAESFNDAKEKVRNFAATIPRPFSVRYDPYTQRIE
VLDNT
;
_entity_poly.pdbx_strand_id   A
#
loop_
_chem_comp.id
_chem_comp.type
_chem_comp.name
_chem_comp.formula
FE2 non-polymer 'FE (II) ION' 'Fe 2'
H4B non-polymer 5,6,7,8-TETRAHYDROBIOPTERIN 'C9 H15 N5 O3'
#
# COMPACT_ATOMS: atom_id res chain seq x y z
N VAL A 16 8.04 17.35 -20.12
CA VAL A 16 7.74 16.40 -18.99
C VAL A 16 6.24 16.23 -18.79
N PRO A 17 5.83 15.08 -18.25
CA PRO A 17 4.40 14.85 -18.03
C PRO A 17 3.81 15.79 -16.98
N TRP A 18 2.61 16.27 -17.24
CA TRP A 18 1.95 17.18 -16.31
C TRP A 18 1.64 16.48 -14.99
N PHE A 19 2.16 17.06 -13.90
CA PHE A 19 1.94 16.50 -12.58
C PHE A 19 1.21 17.50 -11.68
N PRO A 20 0.44 16.99 -10.71
CA PRO A 20 -0.31 17.85 -9.79
C PRO A 20 0.59 18.76 -8.93
N ARG A 21 0.15 20.00 -8.77
CA ARG A 21 0.88 20.98 -7.99
C ARG A 21 0.22 21.18 -6.65
N THR A 22 -1.07 20.86 -6.57
CA THR A 22 -1.81 21.02 -5.32
C THR A 22 -2.39 19.71 -4.82
N ILE A 23 -2.60 19.64 -3.51
CA ILE A 23 -3.16 18.44 -2.91
C ILE A 23 -4.63 18.32 -3.33
N GLN A 24 -5.19 19.41 -3.84
CA GLN A 24 -6.58 19.41 -4.30
C GLN A 24 -6.63 18.94 -5.75
N GLU A 25 -5.51 19.05 -6.46
CA GLU A 25 -5.42 18.63 -7.86
C GLU A 25 -5.28 17.12 -7.99
N LEU A 26 -5.31 16.43 -6.85
CA LEU A 26 -5.20 14.97 -6.85
C LEU A 26 -6.48 14.40 -7.47
N ASP A 27 -7.60 15.07 -7.23
CA ASP A 27 -8.88 14.63 -7.76
C ASP A 27 -8.81 14.55 -9.30
N ARG A 28 -7.98 15.39 -9.90
CA ARG A 28 -7.81 15.39 -11.36
C ARG A 28 -7.55 13.98 -11.87
N PHE A 29 -6.51 13.37 -11.32
CA PHE A 29 -6.10 12.01 -11.71
C PHE A 29 -6.63 10.98 -10.73
N ALA A 30 -7.38 11.44 -9.74
CA ALA A 30 -7.95 10.55 -8.74
C ALA A 30 -9.11 9.77 -9.34
N ASN A 31 -9.34 8.58 -8.80
CA ASN A 31 -10.41 7.70 -9.28
C ASN A 31 -10.29 7.29 -10.75
N GLN A 32 -9.06 7.05 -11.18
CA GLN A 32 -8.78 6.58 -12.53
C GLN A 32 -8.40 5.13 -12.30
N ILE A 33 -9.24 4.43 -11.53
CA ILE A 33 -9.02 3.03 -11.17
C ILE A 33 -8.63 2.09 -12.31
N LEU A 34 -7.91 1.03 -11.96
CA LEU A 34 -7.46 0.03 -12.92
C LEU A 34 -7.69 -1.37 -12.35
N SER A 35 -6.99 -2.36 -12.89
CA SER A 35 -7.15 -3.74 -12.44
C SER A 35 -5.93 -4.59 -12.79
N TYR A 36 -5.79 -5.74 -12.14
CA TYR A 36 -4.67 -6.66 -12.39
C TYR A 36 -5.08 -7.75 -13.37
N GLY A 37 -6.20 -7.53 -14.05
CA GLY A 37 -6.68 -8.49 -15.03
C GLY A 37 -6.89 -9.88 -14.47
N ALA A 38 -7.45 -9.97 -13.27
CA ALA A 38 -7.70 -11.27 -12.66
C ALA A 38 -9.19 -11.61 -12.69
N GLU A 39 -9.98 -10.77 -13.36
CA GLU A 39 -11.42 -10.99 -13.47
C GLU A 39 -11.75 -12.36 -14.05
N LEU A 40 -11.47 -12.51 -15.34
CA LEU A 40 -11.73 -13.74 -16.08
C LEU A 40 -10.82 -14.88 -15.63
N ASP A 41 -10.23 -14.74 -14.46
CA ASP A 41 -9.32 -15.76 -13.92
C ASP A 41 -10.12 -16.80 -13.14
N ALA A 42 -10.05 -18.05 -13.56
CA ALA A 42 -10.77 -19.12 -12.89
C ALA A 42 -10.20 -19.42 -11.50
N ASP A 43 -9.08 -18.77 -11.19
CA ASP A 43 -8.44 -18.96 -9.90
C ASP A 43 -9.10 -18.05 -8.86
N HIS A 44 -9.71 -16.98 -9.34
CA HIS A 44 -10.38 -16.00 -8.48
C HIS A 44 -11.85 -15.80 -8.89
N PRO A 45 -12.72 -16.79 -8.58
CA PRO A 45 -14.15 -16.73 -8.92
C PRO A 45 -14.92 -15.56 -8.27
N GLY A 46 -14.44 -15.11 -7.12
CA GLY A 46 -15.08 -14.02 -6.41
C GLY A 46 -15.51 -12.82 -7.26
N PHE A 47 -14.63 -12.35 -8.12
CA PHE A 47 -14.95 -11.22 -8.98
C PHE A 47 -16.27 -11.35 -9.70
N LYS A 48 -16.63 -12.58 -10.06
CA LYS A 48 -17.88 -12.88 -10.78
C LYS A 48 -19.14 -12.73 -9.92
N ASP A 49 -18.98 -12.82 -8.60
CA ASP A 49 -20.09 -12.71 -7.69
C ASP A 49 -20.83 -11.40 -7.91
N PRO A 50 -22.07 -11.47 -8.40
CA PRO A 50 -22.89 -10.27 -8.67
C PRO A 50 -23.10 -9.40 -7.42
N VAL A 51 -23.18 -10.06 -6.26
CA VAL A 51 -23.36 -9.35 -4.99
C VAL A 51 -22.08 -8.57 -4.67
N TYR A 52 -20.95 -9.20 -4.93
CA TYR A 52 -19.64 -8.60 -4.70
C TYR A 52 -19.50 -7.34 -5.57
N ARG A 53 -19.85 -7.48 -6.85
CA ARG A 53 -19.77 -6.38 -7.81
C ARG A 53 -20.68 -5.20 -7.44
N ALA A 54 -21.89 -5.50 -6.98
CA ALA A 54 -22.82 -4.43 -6.62
C ALA A 54 -22.24 -3.68 -5.42
N ARG A 55 -21.68 -4.45 -4.50
CA ARG A 55 -21.07 -3.88 -3.31
C ARG A 55 -19.94 -2.93 -3.74
N ARG A 56 -19.08 -3.38 -4.64
CA ARG A 56 -17.97 -2.56 -5.15
C ARG A 56 -18.45 -1.32 -5.88
N LYS A 57 -19.63 -1.40 -6.48
CA LYS A 57 -20.20 -0.27 -7.18
C LYS A 57 -20.57 0.79 -6.12
N GLN A 58 -21.08 0.35 -4.97
CA GLN A 58 -21.46 1.29 -3.91
C GLN A 58 -20.27 2.07 -3.35
N PHE A 59 -19.16 1.37 -3.10
CA PHE A 59 -17.95 2.01 -2.56
C PHE A 59 -17.31 2.91 -3.61
N ALA A 60 -17.50 2.54 -4.88
CA ALA A 60 -16.97 3.34 -5.96
C ALA A 60 -17.65 4.71 -6.00
N ASP A 61 -18.97 4.72 -5.79
CA ASP A 61 -19.73 5.98 -5.80
C ASP A 61 -19.32 6.92 -4.66
N ILE A 62 -18.94 6.36 -3.52
CA ILE A 62 -18.53 7.18 -2.39
C ILE A 62 -17.22 7.84 -2.75
N ALA A 63 -16.37 7.12 -3.48
CA ALA A 63 -15.06 7.63 -3.88
C ALA A 63 -15.23 8.70 -4.95
N TYR A 64 -16.20 8.51 -5.84
CA TYR A 64 -16.45 9.46 -6.92
C TYR A 64 -17.17 10.71 -6.41
N ASN A 65 -18.00 10.56 -5.38
CA ASN A 65 -18.72 11.70 -4.83
C ASN A 65 -17.91 12.35 -3.72
N TYR A 66 -16.64 11.96 -3.61
CA TYR A 66 -15.79 12.52 -2.58
C TYR A 66 -14.88 13.58 -3.19
N ARG A 67 -14.62 14.64 -2.42
CA ARG A 67 -13.74 15.73 -2.86
C ARG A 67 -12.91 16.24 -1.70
N HIS A 68 -11.67 16.63 -1.99
CA HIS A 68 -10.73 17.13 -0.99
C HIS A 68 -11.42 17.94 0.10
N GLY A 69 -10.97 17.75 1.34
CA GLY A 69 -11.56 18.48 2.44
C GLY A 69 -12.53 17.68 3.30
N GLN A 70 -13.65 17.28 2.72
CA GLN A 70 -14.66 16.52 3.45
C GLN A 70 -14.07 15.33 4.21
N PRO A 71 -14.79 14.86 5.22
CA PRO A 71 -14.29 13.71 5.98
C PRO A 71 -14.79 12.47 5.21
N ILE A 72 -14.03 11.38 5.29
CA ILE A 72 -14.42 10.18 4.58
C ILE A 72 -15.75 9.63 5.12
N PRO A 73 -16.75 9.42 4.24
CA PRO A 73 -18.04 8.90 4.67
C PRO A 73 -17.96 7.54 5.37
N ARG A 74 -18.59 7.43 6.53
CA ARG A 74 -18.62 6.18 7.27
C ARG A 74 -19.65 5.27 6.63
N VAL A 75 -19.37 3.97 6.62
CA VAL A 75 -20.29 3.00 6.01
C VAL A 75 -20.58 1.81 6.90
N GLU A 76 -21.56 1.01 6.49
CA GLU A 76 -21.91 -0.19 7.24
C GLU A 76 -21.55 -1.39 6.38
N TYR A 77 -21.00 -2.41 7.01
CA TYR A 77 -20.59 -3.60 6.29
C TYR A 77 -21.57 -4.75 6.54
N MET A 78 -21.62 -5.68 5.60
CA MET A 78 -22.50 -6.84 5.71
C MET A 78 -21.92 -7.84 6.71
N GLU A 79 -22.72 -8.84 7.07
CA GLU A 79 -22.29 -9.85 8.03
C GLU A 79 -21.08 -10.59 7.46
N GLU A 80 -21.15 -10.91 6.18
CA GLU A 80 -20.10 -11.65 5.49
C GLU A 80 -18.81 -10.83 5.45
N GLU A 81 -18.94 -9.54 5.21
CA GLU A 81 -17.76 -8.68 5.14
C GLU A 81 -17.03 -8.61 6.50
N LYS A 82 -17.81 -8.58 7.58
CA LYS A 82 -17.25 -8.54 8.94
C LYS A 82 -16.56 -9.86 9.22
N LYS A 83 -17.14 -10.96 8.72
CA LYS A 83 -16.56 -12.28 8.91
C LYS A 83 -15.21 -12.36 8.23
N THR A 84 -15.13 -11.85 7.00
CA THR A 84 -13.88 -11.87 6.24
C THR A 84 -12.77 -11.14 7.01
N TRP A 85 -13.09 -9.93 7.44
CA TRP A 85 -12.14 -9.11 8.19
C TRP A 85 -11.74 -9.84 9.48
N GLY A 86 -12.70 -10.52 10.09
CA GLY A 86 -12.44 -11.24 11.32
C GLY A 86 -11.46 -12.38 11.09
N THR A 87 -11.64 -13.08 9.99
CA THR A 87 -10.77 -14.19 9.65
C THR A 87 -9.38 -13.66 9.28
N VAL A 88 -9.35 -12.68 8.39
CA VAL A 88 -8.08 -12.09 7.97
C VAL A 88 -7.29 -11.57 9.16
N PHE A 89 -7.90 -10.64 9.90
CA PHE A 89 -7.31 -10.02 11.08
C PHE A 89 -6.76 -10.99 12.12
N LYS A 90 -7.62 -11.88 12.60
CA LYS A 90 -7.18 -12.82 13.63
C LYS A 90 -6.11 -13.78 13.14
N THR A 91 -6.10 -14.08 11.84
CA THR A 91 -5.09 -15.00 11.34
C THR A 91 -3.73 -14.33 11.17
N LEU A 92 -3.74 -13.11 10.63
CA LEU A 92 -2.51 -12.37 10.44
C LEU A 92 -1.88 -12.01 11.79
N LYS A 93 -2.70 -11.53 12.71
CA LYS A 93 -2.22 -11.13 14.03
C LYS A 93 -1.41 -12.27 14.68
N SER A 94 -1.83 -13.51 14.43
CA SER A 94 -1.15 -14.67 14.97
C SER A 94 0.18 -14.89 14.22
N LEU A 95 0.21 -14.58 12.93
CA LEU A 95 1.42 -14.75 12.13
C LEU A 95 2.45 -13.64 12.36
N TYR A 96 1.99 -12.42 12.61
CA TYR A 96 2.90 -11.29 12.83
C TYR A 96 3.98 -11.52 13.87
N LYS A 97 3.62 -12.22 14.94
CA LYS A 97 4.54 -12.53 16.04
C LYS A 97 5.85 -13.20 15.60
N THR A 98 5.77 -14.06 14.59
CA THR A 98 6.96 -14.75 14.10
C THR A 98 7.35 -14.38 12.67
N HIS A 99 6.49 -13.66 11.96
CA HIS A 99 6.76 -13.30 10.56
C HIS A 99 6.98 -11.84 10.26
N ALA A 100 6.29 -10.96 10.98
CA ALA A 100 6.39 -9.51 10.78
C ALA A 100 7.67 -8.94 11.35
N CYS A 101 8.25 -7.95 10.68
CA CYS A 101 9.46 -7.32 11.16
C CYS A 101 9.22 -6.51 12.43
N TYR A 102 10.29 -6.28 13.19
CA TYR A 102 10.26 -5.52 14.43
C TYR A 102 9.50 -4.21 14.34
N GLU A 103 9.89 -3.33 13.42
CA GLU A 103 9.22 -2.05 13.26
C GLU A 103 7.70 -2.21 13.23
N TYR A 104 7.22 -3.09 12.37
CA TYR A 104 5.80 -3.33 12.22
C TYR A 104 5.12 -3.77 13.54
N ASN A 105 5.65 -4.80 14.19
CA ASN A 105 5.04 -5.30 15.42
C ASN A 105 4.98 -4.32 16.60
N HIS A 106 5.80 -3.29 16.59
CA HIS A 106 5.76 -2.35 17.70
C HIS A 106 4.81 -1.20 17.44
N ILE A 107 4.28 -1.14 16.23
CA ILE A 107 3.36 -0.10 15.82
C ILE A 107 1.93 -0.60 15.84
N PHE A 108 1.75 -1.86 15.47
CA PHE A 108 0.42 -2.47 15.42
C PHE A 108 -0.42 -2.24 16.65
N PRO A 109 0.15 -2.43 17.84
CA PRO A 109 -0.61 -2.23 19.08
C PRO A 109 -1.28 -0.85 19.14
N LEU A 110 -0.57 0.18 18.66
CA LEU A 110 -1.10 1.54 18.66
C LEU A 110 -2.42 1.60 17.90
N LEU A 111 -2.45 1.05 16.68
CA LEU A 111 -3.66 1.04 15.87
C LEU A 111 -4.77 0.33 16.63
N GLU A 112 -4.39 -0.73 17.33
CA GLU A 112 -5.35 -1.53 18.10
C GLU A 112 -6.05 -0.76 19.20
N LYS A 113 -5.28 -0.03 20.00
CA LYS A 113 -5.88 0.72 21.09
C LYS A 113 -6.25 2.16 20.77
N TYR A 114 -5.72 2.69 19.68
CA TYR A 114 -6.03 4.08 19.34
C TYR A 114 -6.79 4.22 18.04
N CYS A 115 -7.09 3.12 17.37
CA CYS A 115 -7.80 3.22 16.12
C CYS A 115 -8.95 2.25 15.95
N GLY A 116 -9.04 1.28 16.86
CA GLY A 116 -10.13 0.31 16.78
C GLY A 116 -9.86 -0.91 15.92
N PHE A 117 -8.58 -1.19 15.65
CA PHE A 117 -8.24 -2.38 14.86
C PHE A 117 -8.52 -3.59 15.72
N HIS A 118 -9.63 -4.26 15.44
CA HIS A 118 -10.00 -5.45 16.20
C HIS A 118 -10.65 -6.48 15.31
N GLU A 119 -10.64 -7.72 15.77
CA GLU A 119 -11.21 -8.83 15.03
C GLU A 119 -12.65 -8.61 14.62
N ASP A 120 -13.44 -8.02 15.51
CA ASP A 120 -14.84 -7.79 15.22
C ASP A 120 -15.18 -6.32 15.05
N ASN A 121 -14.35 -5.63 14.29
CA ASN A 121 -14.57 -4.21 14.06
C ASN A 121 -13.75 -3.69 12.90
N ILE A 122 -14.36 -3.56 11.73
CA ILE A 122 -13.67 -3.04 10.57
C ILE A 122 -13.49 -1.54 10.78
N PRO A 123 -12.24 -1.08 10.91
CA PRO A 123 -11.93 0.34 11.12
C PRO A 123 -12.54 1.25 10.03
N GLN A 124 -12.98 2.43 10.43
CA GLN A 124 -13.56 3.42 9.52
C GLN A 124 -12.40 4.27 9.02
N LEU A 125 -12.35 4.50 7.71
CA LEU A 125 -11.27 5.27 7.12
C LEU A 125 -11.05 6.64 7.74
N GLU A 126 -12.13 7.33 8.12
CA GLU A 126 -11.99 8.67 8.70
C GLU A 126 -11.17 8.63 9.98
N ASP A 127 -11.49 7.68 10.85
CA ASP A 127 -10.76 7.58 12.10
C ASP A 127 -9.31 7.24 11.79
N VAL A 128 -9.09 6.37 10.81
CA VAL A 128 -7.75 5.96 10.42
C VAL A 128 -6.94 7.14 9.89
N SER A 129 -7.58 7.94 9.05
CA SER A 129 -6.94 9.11 8.46
C SER A 129 -6.56 10.12 9.55
N GLN A 130 -7.45 10.28 10.53
CA GLN A 130 -7.22 11.21 11.63
C GLN A 130 -6.00 10.74 12.43
N PHE A 131 -5.96 9.44 12.73
CA PHE A 131 -4.86 8.84 13.46
C PHE A 131 -3.53 9.11 12.75
N LEU A 132 -3.51 8.94 11.43
CA LEU A 132 -2.28 9.18 10.66
C LEU A 132 -1.85 10.65 10.64
N GLN A 133 -2.82 11.57 10.61
CA GLN A 133 -2.49 13.00 10.60
C GLN A 133 -1.69 13.38 11.82
N THR A 134 -2.15 12.92 12.99
CA THR A 134 -1.47 13.24 14.24
C THR A 134 -0.17 12.45 14.39
N CYS A 135 0.03 11.42 13.55
CA CYS A 135 1.24 10.61 13.62
C CYS A 135 2.39 11.10 12.74
N THR A 136 2.11 11.25 11.46
CA THR A 136 3.14 11.65 10.51
C THR A 136 2.67 12.63 9.46
N GLY A 137 1.41 13.07 9.58
CA GLY A 137 0.88 13.99 8.62
C GLY A 137 0.15 13.29 7.47
N PHE A 138 0.36 11.99 7.28
CA PHE A 138 -0.33 11.26 6.21
C PHE A 138 -1.84 11.33 6.40
N ARG A 139 -2.59 11.21 5.31
CA ARG A 139 -4.04 11.25 5.37
C ARG A 139 -4.60 10.34 4.28
N LEU A 140 -5.77 9.76 4.51
CA LEU A 140 -6.37 8.86 3.52
C LEU A 140 -7.23 9.60 2.53
N ARG A 141 -7.51 8.94 1.42
CA ARG A 141 -8.34 9.48 0.36
C ARG A 141 -8.96 8.23 -0.25
N PRO A 142 -10.29 8.04 -0.08
CA PRO A 142 -11.02 6.89 -0.61
C PRO A 142 -11.01 6.83 -2.13
N VAL A 143 -10.65 5.67 -2.66
CA VAL A 143 -10.58 5.46 -4.08
C VAL A 143 -11.37 4.21 -4.46
N ALA A 144 -11.88 4.17 -5.68
CA ALA A 144 -12.70 3.05 -6.18
C ALA A 144 -11.96 1.75 -6.42
N GLY A 145 -10.64 1.80 -6.50
CA GLY A 145 -9.88 0.59 -6.74
C GLY A 145 -8.41 0.84 -7.01
N LEU A 146 -7.79 -0.03 -7.80
CA LEU A 146 -6.37 0.09 -8.12
C LEU A 146 -6.01 1.36 -8.90
N LEU A 147 -4.94 2.02 -8.48
CA LEU A 147 -4.47 3.23 -9.16
C LEU A 147 -3.16 2.91 -9.87
N SER A 148 -2.82 3.71 -10.88
CA SER A 148 -1.57 3.48 -11.59
C SER A 148 -0.44 3.81 -10.60
N SER A 149 0.72 3.24 -10.83
CA SER A 149 1.86 3.49 -9.97
C SER A 149 2.18 4.98 -9.92
N ARG A 150 2.11 5.66 -11.07
CA ARG A 150 2.39 7.09 -11.16
C ARG A 150 1.51 7.94 -10.24
N ASP A 151 0.20 7.69 -10.24
CA ASP A 151 -0.75 8.42 -9.41
C ASP A 151 -0.61 8.13 -7.92
N PHE A 152 -0.52 6.85 -7.57
CA PHE A 152 -0.37 6.46 -6.17
C PHE A 152 0.93 7.04 -5.61
N LEU A 153 2.00 6.89 -6.39
CA LEU A 153 3.32 7.40 -6.03
C LEU A 153 3.33 8.92 -5.92
N GLY A 154 2.62 9.57 -6.83
CA GLY A 154 2.53 11.02 -6.82
C GLY A 154 1.80 11.51 -5.58
N GLY A 155 0.80 10.75 -5.15
CA GLY A 155 0.05 11.14 -3.96
C GLY A 155 0.88 11.10 -2.69
N LEU A 156 1.92 10.28 -2.67
CA LEU A 156 2.77 10.16 -1.50
C LEU A 156 3.59 11.43 -1.30
N ALA A 157 3.70 12.25 -2.34
CA ALA A 157 4.44 13.51 -2.26
C ALA A 157 3.73 14.46 -1.31
N PHE A 158 2.40 14.38 -1.26
CA PHE A 158 1.61 15.25 -0.39
C PHE A 158 1.28 14.52 0.90
N ARG A 159 1.82 13.30 1.04
CA ARG A 159 1.56 12.45 2.20
C ARG A 159 0.09 12.04 2.21
N VAL A 160 -0.42 11.77 1.02
CA VAL A 160 -1.78 11.30 0.86
C VAL A 160 -1.71 9.86 0.40
N PHE A 161 -2.47 9.00 1.04
CA PHE A 161 -2.50 7.58 0.71
C PHE A 161 -3.89 7.27 0.16
N HIS A 162 -3.98 7.02 -1.15
CA HIS A 162 -5.25 6.69 -1.79
C HIS A 162 -5.63 5.31 -1.31
N CYS A 163 -6.68 5.25 -0.50
CA CYS A 163 -7.12 4.02 0.13
C CYS A 163 -8.51 3.51 -0.25
N THR A 164 -8.66 2.19 -0.34
CA THR A 164 -9.95 1.59 -0.68
C THR A 164 -10.79 1.24 0.57
N GLN A 165 -12.12 1.16 0.38
CA GLN A 165 -13.08 0.85 1.47
C GLN A 165 -13.72 -0.53 1.37
N TYR A 166 -13.69 -1.12 0.18
CA TYR A 166 -14.30 -2.44 -0.01
C TYR A 166 -13.38 -3.53 0.52
N ILE A 167 -13.94 -4.69 0.81
CA ILE A 167 -13.16 -5.78 1.34
C ILE A 167 -13.20 -6.95 0.36
N ARG A 168 -12.14 -7.75 0.37
CA ARG A 168 -12.01 -8.90 -0.52
C ARG A 168 -13.18 -9.88 -0.37
N HIS A 169 -13.40 -10.69 -1.41
CA HIS A 169 -14.48 -11.66 -1.44
C HIS A 169 -14.28 -12.76 -0.37
N GLY A 170 -15.29 -12.95 0.46
CA GLY A 170 -15.22 -13.93 1.54
C GLY A 170 -14.87 -15.37 1.18
N SER A 171 -14.85 -15.70 -0.11
CA SER A 171 -14.51 -17.06 -0.52
C SER A 171 -13.00 -17.36 -0.41
N LYS A 172 -12.16 -16.33 -0.56
CA LYS A 172 -10.71 -16.53 -0.50
C LYS A 172 -10.00 -15.45 0.31
N PRO A 173 -10.22 -15.42 1.63
CA PRO A 173 -9.62 -14.44 2.54
C PRO A 173 -8.10 -14.59 2.74
N MET A 174 -7.53 -15.69 2.26
CA MET A 174 -6.10 -15.90 2.41
C MET A 174 -5.28 -15.06 1.42
N TYR A 175 -5.91 -14.69 0.31
CA TYR A 175 -5.24 -13.92 -0.72
C TYR A 175 -6.21 -13.33 -1.75
N THR A 176 -5.91 -12.11 -2.19
CA THR A 176 -6.68 -11.44 -3.23
C THR A 176 -5.70 -10.63 -4.07
N PRO A 177 -5.88 -10.64 -5.39
CA PRO A 177 -4.97 -9.89 -6.28
C PRO A 177 -5.20 -8.38 -6.21
N GLU A 178 -6.39 -7.96 -5.77
CA GLU A 178 -6.73 -6.54 -5.67
C GLU A 178 -6.32 -5.95 -4.33
N PRO A 179 -6.09 -4.63 -4.30
CA PRO A 179 -5.69 -3.96 -3.06
C PRO A 179 -6.90 -3.56 -2.19
N ASP A 180 -7.56 -4.55 -1.59
CA ASP A 180 -8.74 -4.30 -0.74
C ASP A 180 -8.42 -3.54 0.54
N ILE A 181 -9.43 -3.33 1.40
CA ILE A 181 -9.22 -2.59 2.63
C ILE A 181 -8.29 -3.32 3.61
N CYS A 182 -8.25 -4.64 3.52
CA CYS A 182 -7.38 -5.43 4.39
C CYS A 182 -5.91 -5.13 4.05
N HIS A 183 -5.62 -5.04 2.76
CA HIS A 183 -4.27 -4.75 2.31
C HIS A 183 -3.82 -3.35 2.74
N GLU A 184 -4.69 -2.35 2.51
CA GLU A 184 -4.40 -0.96 2.85
C GLU A 184 -4.13 -0.76 4.33
N LEU A 185 -5.09 -1.18 5.15
CA LEU A 185 -5.02 -1.03 6.60
C LEU A 185 -4.03 -1.93 7.33
N LEU A 186 -3.96 -3.20 6.95
CA LEU A 186 -3.06 -4.13 7.63
C LEU A 186 -1.65 -4.17 7.07
N GLY A 187 -1.50 -3.84 5.79
CA GLY A 187 -0.19 -3.86 5.17
C GLY A 187 0.50 -2.52 5.02
N HIS A 188 -0.25 -1.46 4.71
CA HIS A 188 0.29 -0.12 4.48
C HIS A 188 0.21 0.88 5.63
N VAL A 189 -1.00 1.07 6.16
CA VAL A 189 -1.21 2.04 7.22
C VAL A 189 -0.24 1.99 8.39
N PRO A 190 0.05 0.79 8.91
CA PRO A 190 0.98 0.67 10.05
C PRO A 190 2.32 1.37 9.88
N LEU A 191 3.00 1.13 8.76
CA LEU A 191 4.29 1.78 8.54
C LEU A 191 4.14 3.25 8.17
N PHE A 192 2.97 3.66 7.68
CA PHE A 192 2.76 5.07 7.35
C PHE A 192 2.66 5.90 8.64
N SER A 193 2.44 5.23 9.76
CA SER A 193 2.36 5.96 11.02
C SER A 193 3.77 6.14 11.62
N ASP A 194 4.78 5.64 10.92
CA ASP A 194 6.15 5.80 11.39
C ASP A 194 6.76 7.01 10.68
N ARG A 195 7.40 7.89 11.45
CA ARG A 195 7.99 9.10 10.90
C ARG A 195 9.07 8.82 9.86
N SER A 196 10.04 8.01 10.22
CA SER A 196 11.11 7.70 9.27
C SER A 196 10.56 7.11 7.97
N PHE A 197 9.65 6.15 8.09
CA PHE A 197 9.06 5.51 6.91
C PHE A 197 8.17 6.51 6.17
N ALA A 198 7.50 7.38 6.92
CA ALA A 198 6.62 8.36 6.30
C ALA A 198 7.43 9.33 5.42
N GLN A 199 8.54 9.84 5.96
CA GLN A 199 9.37 10.75 5.17
C GLN A 199 10.02 9.99 4.01
N PHE A 200 10.28 8.70 4.22
CA PHE A 200 10.86 7.85 3.18
C PHE A 200 9.89 7.79 2.02
N SER A 201 8.64 7.45 2.33
CA SER A 201 7.58 7.35 1.33
C SER A 201 7.38 8.64 0.55
N GLN A 202 7.37 9.78 1.25
CA GLN A 202 7.16 11.06 0.58
C GLN A 202 8.30 11.43 -0.38
N GLU A 203 9.53 11.11 0.00
CA GLU A 203 10.69 11.41 -0.81
C GLU A 203 10.64 10.72 -2.17
N ILE A 204 10.41 9.41 -2.17
CA ILE A 204 10.34 8.70 -3.44
C ILE A 204 9.13 9.18 -4.26
N GLY A 205 8.11 9.66 -3.56
CA GLY A 205 6.93 10.17 -4.23
C GLY A 205 7.27 11.49 -4.90
N LEU A 206 8.10 12.29 -4.23
CA LEU A 206 8.51 13.57 -4.81
C LEU A 206 9.40 13.35 -6.02
N ALA A 207 10.25 12.33 -5.98
CA ALA A 207 11.15 12.05 -7.08
C ALA A 207 10.41 11.59 -8.34
N SER A 208 9.29 10.92 -8.14
CA SER A 208 8.47 10.42 -9.23
C SER A 208 7.74 11.52 -9.98
N LEU A 209 7.44 12.61 -9.28
CA LEU A 209 6.73 13.72 -9.91
C LEU A 209 7.39 14.24 -11.18
N GLY A 210 6.63 14.18 -12.28
CA GLY A 210 7.15 14.66 -13.55
C GLY A 210 8.31 13.86 -14.11
N ALA A 211 8.67 12.78 -13.44
CA ALA A 211 9.77 11.94 -13.88
C ALA A 211 9.42 11.16 -15.15
N PRO A 212 10.45 10.83 -15.96
CA PRO A 212 10.18 10.09 -17.19
C PRO A 212 9.53 8.75 -16.83
N ASP A 213 8.58 8.36 -17.66
CA ASP A 213 7.84 7.12 -17.50
C ASP A 213 8.78 5.93 -17.26
N GLU A 214 9.86 5.85 -18.04
CA GLU A 214 10.80 4.72 -17.88
C GLU A 214 11.36 4.60 -16.47
N TYR A 215 11.57 5.73 -15.78
CA TYR A 215 12.09 5.66 -14.41
C TYR A 215 10.99 5.36 -13.39
N ILE A 216 9.77 5.83 -13.64
CA ILE A 216 8.66 5.56 -12.73
C ILE A 216 8.39 4.06 -12.62
N GLU A 217 8.42 3.35 -13.74
CA GLU A 217 8.21 1.91 -13.78
C GLU A 217 9.34 1.16 -13.08
N LYS A 218 10.56 1.68 -13.18
CA LYS A 218 11.70 1.05 -12.50
C LYS A 218 11.49 1.28 -11.01
N LEU A 219 11.05 2.50 -10.68
CA LEU A 219 10.77 2.87 -9.31
C LEU A 219 9.69 1.96 -8.74
N ALA A 220 8.61 1.79 -9.51
CA ALA A 220 7.50 0.95 -9.08
C ALA A 220 7.97 -0.48 -8.84
N THR A 221 8.80 -1.01 -9.75
CA THR A 221 9.31 -2.36 -9.59
C THR A 221 10.09 -2.50 -8.27
N ILE A 222 10.90 -1.49 -7.95
CA ILE A 222 11.69 -1.47 -6.71
C ILE A 222 10.75 -1.35 -5.51
N TYR A 223 9.73 -0.51 -5.66
CA TYR A 223 8.73 -0.31 -4.62
C TYR A 223 8.08 -1.67 -4.36
N TRP A 224 7.76 -2.37 -5.46
CA TRP A 224 7.14 -3.67 -5.38
C TRP A 224 8.00 -4.68 -4.61
N PHE A 225 9.27 -4.75 -4.94
CA PHE A 225 10.15 -5.70 -4.27
C PHE A 225 10.66 -5.23 -2.89
N THR A 226 10.13 -4.10 -2.40
CA THR A 226 10.52 -3.61 -1.09
C THR A 226 9.26 -3.29 -0.25
N VAL A 227 8.62 -2.16 -0.51
CA VAL A 227 7.43 -1.78 0.22
C VAL A 227 6.30 -2.83 0.09
N GLU A 228 6.13 -3.37 -1.12
CA GLU A 228 5.09 -4.37 -1.33
C GLU A 228 5.43 -5.79 -0.86
N PHE A 229 6.52 -6.35 -1.37
CA PHE A 229 6.87 -7.72 -0.99
C PHE A 229 8.29 -7.87 -0.47
N GLY A 230 8.82 -6.79 0.09
CA GLY A 230 10.17 -6.81 0.63
C GLY A 230 10.34 -7.73 1.83
N LEU A 231 11.51 -8.33 1.93
CA LEU A 231 11.87 -9.23 3.01
C LEU A 231 13.20 -8.71 3.56
N CYS A 232 13.44 -8.89 4.86
CA CYS A 232 14.69 -8.41 5.45
C CYS A 232 15.12 -9.29 6.61
N LYS A 233 16.41 -9.29 6.91
CA LYS A 233 16.90 -10.11 8.00
C LYS A 233 17.33 -9.28 9.20
N GLN A 234 16.65 -9.48 10.33
CA GLN A 234 16.98 -8.77 11.56
C GLN A 234 17.61 -9.79 12.51
N GLY A 235 18.88 -9.57 12.84
CA GLY A 235 19.58 -10.51 13.69
C GLY A 235 19.90 -11.72 12.84
N ASP A 236 19.78 -12.92 13.41
CA ASP A 236 20.08 -14.14 12.65
C ASP A 236 18.80 -14.74 12.08
N SER A 237 17.82 -13.89 11.79
CA SER A 237 16.55 -14.38 11.25
C SER A 237 16.07 -13.55 10.08
N ILE A 238 14.91 -13.90 9.56
CA ILE A 238 14.36 -13.16 8.44
C ILE A 238 12.87 -12.91 8.63
N LYS A 239 12.45 -11.68 8.35
CA LYS A 239 11.06 -11.28 8.50
C LYS A 239 10.53 -10.56 7.26
N ALA A 240 9.21 -10.40 7.20
CA ALA A 240 8.55 -9.72 6.08
C ALA A 240 8.22 -8.29 6.47
N TYR A 241 8.42 -7.35 5.57
CA TYR A 241 8.10 -5.98 5.87
C TYR A 241 7.24 -5.37 4.76
N GLY A 242 6.99 -6.15 3.72
CA GLY A 242 6.18 -5.67 2.61
C GLY A 242 4.68 -5.75 2.84
N ALA A 243 4.00 -4.65 2.49
CA ALA A 243 2.55 -4.55 2.63
C ALA A 243 1.81 -5.74 2.03
N GLY A 244 2.27 -6.20 0.87
CA GLY A 244 1.65 -7.32 0.19
C GLY A 244 1.77 -8.62 0.94
N LEU A 245 2.80 -8.72 1.76
CA LEU A 245 3.00 -9.92 2.55
C LEU A 245 2.24 -9.75 3.87
N LEU A 246 2.34 -8.57 4.46
CA LEU A 246 1.66 -8.30 5.73
C LEU A 246 0.13 -8.31 5.67
N SER A 247 -0.47 -8.35 4.46
CA SER A 247 -1.94 -8.36 4.39
C SER A 247 -2.53 -9.66 3.86
N SER A 248 -1.68 -10.63 3.53
CA SER A 248 -2.11 -11.92 3.02
C SER A 248 -1.53 -13.06 3.88
N PHE A 249 -2.33 -13.60 4.79
CA PHE A 249 -1.84 -14.67 5.64
C PHE A 249 -1.51 -15.89 4.81
N GLY A 250 -1.96 -15.85 3.56
CA GLY A 250 -1.69 -16.94 2.63
C GLY A 250 -0.22 -16.94 2.25
N GLU A 251 0.27 -15.89 1.60
CA GLU A 251 1.67 -15.94 1.25
C GLU A 251 2.60 -15.41 2.31
N LEU A 252 2.05 -15.08 3.47
CA LEU A 252 2.87 -14.62 4.56
C LEU A 252 3.57 -15.87 5.11
N GLN A 253 2.82 -16.97 5.09
CA GLN A 253 3.35 -18.25 5.51
C GLN A 253 4.37 -18.70 4.46
N TYR A 254 3.98 -18.54 3.19
CA TYR A 254 4.79 -18.94 2.05
C TYR A 254 6.09 -18.15 1.78
N CYS A 255 6.09 -16.84 2.03
CA CYS A 255 7.28 -16.04 1.77
C CYS A 255 8.48 -16.44 2.64
N LEU A 256 8.20 -17.06 3.78
CA LEU A 256 9.22 -17.52 4.71
C LEU A 256 9.41 -19.04 4.71
N SER A 257 8.77 -19.74 3.79
CA SER A 257 8.96 -21.17 3.69
C SER A 257 10.16 -21.34 2.76
N GLU A 258 10.33 -22.54 2.20
CA GLU A 258 11.45 -22.81 1.31
C GLU A 258 11.06 -22.73 -0.15
N LYS A 259 9.75 -22.71 -0.41
CA LYS A 259 9.23 -22.62 -1.77
C LYS A 259 9.81 -21.45 -2.55
N PRO A 260 9.60 -20.21 -2.07
CA PRO A 260 10.11 -19.03 -2.78
C PRO A 260 11.63 -18.97 -2.92
N LYS A 261 12.07 -18.31 -3.99
CA LYS A 261 13.49 -18.13 -4.22
C LYS A 261 13.90 -16.80 -3.59
N LEU A 262 15.03 -16.81 -2.89
CA LEU A 262 15.51 -15.60 -2.22
C LEU A 262 16.80 -15.07 -2.82
N LEU A 263 16.90 -13.76 -2.93
CA LEU A 263 18.09 -13.15 -3.48
C LEU A 263 18.41 -11.87 -2.72
N PRO A 264 19.69 -11.49 -2.69
CA PRO A 264 20.13 -10.27 -2.01
C PRO A 264 19.56 -9.06 -2.74
N LEU A 265 19.15 -8.06 -1.98
CA LEU A 265 18.58 -6.84 -2.55
C LEU A 265 19.67 -6.04 -3.28
N GLU A 266 19.51 -5.89 -4.59
CA GLU A 266 20.47 -5.13 -5.39
C GLU A 266 19.67 -4.35 -6.44
N LEU A 267 19.62 -3.02 -6.30
CA LEU A 267 18.87 -2.18 -7.21
C LEU A 267 19.12 -2.41 -8.69
N GLU A 268 20.38 -2.47 -9.10
CA GLU A 268 20.71 -2.67 -10.51
C GLU A 268 20.14 -3.97 -11.07
N LYS A 269 19.72 -4.87 -10.20
CA LYS A 269 19.14 -6.14 -10.62
C LYS A 269 17.66 -6.23 -10.30
N THR A 270 17.28 -5.65 -9.16
CA THR A 270 15.89 -5.67 -8.71
C THR A 270 15.00 -4.79 -9.58
N ALA A 271 15.53 -3.63 -10.00
CA ALA A 271 14.79 -2.69 -10.83
C ALA A 271 14.28 -3.26 -12.15
N ILE A 272 14.98 -4.27 -12.68
CA ILE A 272 14.58 -4.87 -13.95
C ILE A 272 14.02 -6.28 -13.79
N GLN A 273 13.77 -6.71 -12.55
CA GLN A 273 13.25 -8.05 -12.31
C GLN A 273 11.75 -8.15 -12.62
N ASN A 274 11.32 -9.33 -13.06
CA ASN A 274 9.92 -9.57 -13.38
C ASN A 274 9.18 -10.07 -12.14
N TYR A 275 7.90 -9.74 -12.04
CA TYR A 275 7.09 -10.21 -10.91
C TYR A 275 5.67 -10.50 -11.37
N THR A 276 4.87 -11.11 -10.50
CA THR A 276 3.49 -11.44 -10.83
C THR A 276 2.51 -10.59 -10.05
N VAL A 277 1.30 -10.43 -10.58
CA VAL A 277 0.29 -9.64 -9.88
C VAL A 277 -0.99 -10.40 -9.53
N THR A 278 -1.13 -11.64 -9.98
CA THR A 278 -2.33 -12.40 -9.63
C THR A 278 -2.06 -13.67 -8.84
N GLU A 279 -0.81 -13.84 -8.41
CA GLU A 279 -0.41 -15.01 -7.63
C GLU A 279 0.76 -14.67 -6.68
N PHE A 280 1.14 -15.64 -5.84
CA PHE A 280 2.25 -15.46 -4.91
C PHE A 280 3.51 -15.24 -5.74
N GLN A 281 4.39 -14.37 -5.25
CA GLN A 281 5.65 -14.07 -5.91
C GLN A 281 6.51 -15.31 -5.85
N PRO A 282 7.15 -15.65 -6.97
CA PRO A 282 8.03 -16.83 -7.01
C PRO A 282 9.45 -16.44 -6.54
N LEU A 283 9.65 -15.15 -6.32
CA LEU A 283 10.94 -14.62 -5.90
C LEU A 283 10.84 -13.38 -5.02
N TYR A 284 11.64 -13.33 -3.95
CA TYR A 284 11.67 -12.19 -3.03
C TYR A 284 13.12 -11.73 -2.88
N TYR A 285 13.31 -10.43 -2.64
CA TYR A 285 14.65 -9.89 -2.43
C TYR A 285 14.80 -9.63 -0.93
N VAL A 286 15.86 -10.18 -0.34
CA VAL A 286 16.11 -10.00 1.08
C VAL A 286 17.07 -8.84 1.29
N ALA A 287 16.67 -7.87 2.11
CA ALA A 287 17.51 -6.72 2.38
C ALA A 287 18.36 -7.05 3.61
N GLU A 288 19.51 -6.39 3.73
CA GLU A 288 20.39 -6.62 4.88
C GLU A 288 19.68 -6.21 6.17
N SER A 289 18.72 -5.30 6.05
CA SER A 289 17.92 -4.82 7.17
C SER A 289 16.87 -3.85 6.66
N PHE A 290 15.81 -3.65 7.45
CA PHE A 290 14.75 -2.73 7.04
C PHE A 290 15.37 -1.36 6.74
N ASN A 291 16.39 -0.99 7.51
CA ASN A 291 17.08 0.28 7.33
C ASN A 291 17.85 0.35 6.02
N ASP A 292 18.59 -0.71 5.71
CA ASP A 292 19.36 -0.75 4.49
C ASP A 292 18.41 -0.71 3.30
N ALA A 293 17.23 -1.33 3.45
CA ALA A 293 16.25 -1.31 2.36
C ALA A 293 15.89 0.13 2.01
N LYS A 294 15.57 0.94 3.01
CA LYS A 294 15.23 2.33 2.79
C LYS A 294 16.38 3.10 2.17
N GLU A 295 17.59 2.91 2.69
CA GLU A 295 18.76 3.59 2.15
C GLU A 295 18.89 3.38 0.64
N LYS A 296 18.84 2.13 0.21
CA LYS A 296 18.94 1.82 -1.21
C LYS A 296 17.92 2.54 -2.07
N VAL A 297 16.64 2.40 -1.74
CA VAL A 297 15.57 3.04 -2.52
C VAL A 297 15.77 4.55 -2.65
N ARG A 298 16.08 5.22 -1.54
CA ARG A 298 16.30 6.66 -1.54
C ARG A 298 17.38 7.06 -2.54
N ASN A 299 18.54 6.42 -2.43
CA ASN A 299 19.64 6.72 -3.34
C ASN A 299 19.20 6.59 -4.79
N PHE A 300 18.52 5.49 -5.11
CA PHE A 300 18.04 5.27 -6.46
C PHE A 300 17.06 6.37 -6.85
N ALA A 301 16.09 6.63 -5.98
CA ALA A 301 15.08 7.64 -6.23
C ALA A 301 15.73 8.99 -6.51
N ALA A 302 16.81 9.28 -5.80
CA ALA A 302 17.51 10.53 -5.97
C ALA A 302 18.38 10.53 -7.23
N THR A 303 18.30 9.44 -7.99
CA THR A 303 19.08 9.29 -9.21
C THR A 303 18.23 9.57 -10.46
N ILE A 304 16.92 9.62 -10.28
CA ILE A 304 15.99 9.86 -11.37
C ILE A 304 16.20 11.24 -11.99
N PRO A 305 16.71 11.29 -13.23
CA PRO A 305 16.95 12.56 -13.92
C PRO A 305 15.66 13.29 -14.31
N ARG A 306 15.76 14.60 -14.47
CA ARG A 306 14.65 15.45 -14.88
C ARG A 306 15.10 16.91 -14.97
N PRO A 307 14.61 17.64 -15.99
CA PRO A 307 14.95 19.05 -16.23
C PRO A 307 14.50 20.06 -15.16
N PHE A 308 14.50 19.64 -13.90
CA PHE A 308 14.10 20.50 -12.80
C PHE A 308 14.09 19.76 -11.47
N SER A 309 13.77 20.49 -10.40
CA SER A 309 13.69 19.93 -9.06
C SER A 309 12.35 20.33 -8.46
N VAL A 310 11.92 19.61 -7.42
CA VAL A 310 10.65 19.92 -6.80
C VAL A 310 10.71 19.86 -5.28
N ARG A 311 9.85 20.66 -4.63
CA ARG A 311 9.78 20.70 -3.18
C ARG A 311 8.35 20.96 -2.73
N TYR A 312 7.84 20.09 -1.87
CA TYR A 312 6.49 20.23 -1.34
C TYR A 312 6.48 21.19 -0.16
N ASP A 313 5.55 22.14 -0.17
CA ASP A 313 5.41 23.11 0.91
C ASP A 313 4.25 22.61 1.75
N PRO A 314 4.53 22.06 2.95
CA PRO A 314 3.50 21.55 3.85
C PRO A 314 2.56 22.62 4.40
N TYR A 315 3.00 23.88 4.35
CA TYR A 315 2.18 24.99 4.85
C TYR A 315 1.06 25.32 3.87
N THR A 316 1.41 25.51 2.61
CA THR A 316 0.43 25.85 1.59
C THR A 316 -0.06 24.60 0.84
N GLN A 317 0.58 23.47 1.11
CA GLN A 317 0.22 22.20 0.48
C GLN A 317 0.32 22.26 -1.04
N ARG A 318 1.47 22.72 -1.52
CA ARG A 318 1.74 22.83 -2.95
C ARG A 318 3.15 22.34 -3.28
N ILE A 319 3.37 22.03 -4.55
CA ILE A 319 4.68 21.57 -5.03
C ILE A 319 5.40 22.77 -5.62
N GLU A 320 6.66 22.95 -5.23
CA GLU A 320 7.46 24.07 -5.74
C GLU A 320 8.48 23.53 -6.76
N VAL A 321 8.42 24.08 -7.97
CA VAL A 321 9.32 23.68 -9.05
C VAL A 321 10.60 24.49 -9.07
N LEU A 322 11.69 23.88 -8.60
CA LEU A 322 12.99 24.55 -8.57
C LEU A 322 13.64 24.53 -9.96
FE FE2 B . 0.17 -1.96 -1.74
N1 H4B C . -3.91 1.74 -5.59
C2 H4B C . -4.62 1.77 -4.42
N2 H4B C . -5.86 2.21 -4.33
N3 H4B C . -3.99 1.29 -3.28
C4 H4B C . -2.64 0.79 -3.23
O4 H4B C . -2.21 0.39 -2.15
C4A H4B C . -1.97 0.79 -4.50
C8A H4B C . -2.60 1.28 -5.67
N5 H4B C . -0.60 0.29 -4.58
N8 H4B C . -1.96 1.27 -6.88
C6 H4B C . 0.24 0.90 -5.72
C7 H4B C . -0.56 0.78 -7.03
C9 H4B C . 1.62 0.17 -5.64
O9 H4B C . 1.48 -1.25 -5.75
C10 H4B C . 2.70 0.60 -6.71
C11 H4B C . 3.04 2.05 -6.66
O10 H4B C . 2.19 0.23 -8.00
N TIH D . -2.17 -9.90 -2.49
CA TIH D . -2.34 -8.95 -1.35
C TIH D . -3.24 -9.52 -0.25
O TIH D . -4.02 -10.45 -0.56
OXT TIH D . -3.42 -8.81 0.75
CB TIH D . -2.92 -7.63 -1.89
CG TIH D . -2.00 -6.77 -2.73
CD TIH D . -0.62 -6.81 -2.76
CE1 TIH D . -0.04 -5.83 -3.68
CE2 TIH D . -0.99 -5.04 -4.34
SD TIH D . -2.50 -5.58 -3.78
#